data_2QL8
#
_entry.id   2QL8
#
_cell.length_a   81.990
_cell.length_b   81.990
_cell.length_c   129.880
_cell.angle_alpha   90.000
_cell.angle_beta   90.000
_cell.angle_gamma   90.000
#
_symmetry.space_group_name_H-M   'P 43 21 2'
#
loop_
_entity.id
_entity.type
_entity.pdbx_description
1 polymer 'Putative redox protein'
2 non-polymer 'BENZOIC ACID'
3 non-polymer 1,2-ETHANEDIOL
4 water water
#
_entity_poly.entity_id   1
_entity_poly.type   'polypeptide(L)'
_entity_poly.pdbx_seq_one_letter_code
;G(MSE)QDERWNHPLYTTTAINDEELEGHAYIPGGLKVQTSSP(MSE)NDHPGTNPEQLLGLSLSTCLEATLEAVEKEHG
LPHTGAVRVKVAFIGARAEYQFLVHAQV(MSE)VKGVDFDTAKAFTNEIENRCPVSKLLKNSGNYTIETVTDFKD
;
_entity_poly.pdbx_strand_id   A,B
#
loop_
_chem_comp.id
_chem_comp.type
_chem_comp.name
_chem_comp.formula
BEZ non-polymer 'BENZOIC ACID' 'C7 H6 O2'
EDO non-polymer 1,2-ETHANEDIOL 'C2 H6 O2'
#
# COMPACT_ATOMS: atom_id res chain seq x y z
N MSE A 2 -1.33 -1.37 21.06
CA MSE A 2 -0.99 -1.69 22.49
C MSE A 2 -1.17 -0.43 23.36
O MSE A 2 -2.21 -0.27 24.01
CB MSE A 2 0.43 -2.27 22.62
N GLN A 3 -0.16 0.46 23.36
CA GLN A 3 -0.36 1.84 23.86
C GLN A 3 -1.56 2.47 23.13
N ASP A 4 -1.60 2.31 21.78
CA ASP A 4 -2.72 2.84 20.99
C ASP A 4 -3.88 1.84 21.09
N GLU A 5 -4.85 2.21 21.93
CA GLU A 5 -6.00 1.38 22.21
C GLU A 5 -6.97 1.26 21.03
N ARG A 6 -6.71 1.99 19.93
CA ARG A 6 -7.42 1.74 18.70
C ARG A 6 -7.18 0.33 18.14
N TRP A 7 -6.13 -0.36 18.61
CA TRP A 7 -5.92 -1.75 18.26
C TRP A 7 -6.70 -2.75 19.09
N ASN A 8 -7.50 -2.29 20.07
CA ASN A 8 -8.06 -3.23 21.05
C ASN A 8 -9.12 -4.19 20.50
N HIS A 9 -9.91 -3.77 19.52
CA HIS A 9 -10.96 -4.66 18.97
C HIS A 9 -11.31 -4.30 17.55
N PRO A 10 -10.39 -4.57 16.61
CA PRO A 10 -10.67 -4.16 15.22
C PRO A 10 -11.80 -4.93 14.54
N LEU A 11 -12.28 -4.40 13.43
CA LEU A 11 -13.19 -5.12 12.55
C LEU A 11 -12.53 -6.32 11.86
N TYR A 12 -11.23 -6.15 11.54
CA TYR A 12 -10.47 -7.13 10.80
C TYR A 12 -9.00 -6.81 10.99
N THR A 13 -8.21 -7.85 11.09
CA THR A 13 -6.76 -7.71 11.08
CA THR A 13 -6.76 -7.70 11.08
C THR A 13 -6.14 -8.73 10.15
N THR A 14 -4.98 -8.37 9.59
CA THR A 14 -4.19 -9.29 8.77
C THR A 14 -2.72 -8.99 9.04
N THR A 15 -1.87 -9.87 8.51
CA THR A 15 -0.43 -9.69 8.61
C THR A 15 0.20 -10.02 7.25
N ALA A 16 1.37 -9.40 7.01
CA ALA A 16 2.17 -9.63 5.80
C ALA A 16 3.63 -9.76 6.23
N ILE A 17 4.36 -10.69 5.62
CA ILE A 17 5.76 -10.91 5.93
C ILE A 17 6.62 -10.84 4.67
N ASN A 18 7.81 -10.24 4.82
CA ASN A 18 8.85 -10.42 3.82
C ASN A 18 10.13 -10.73 4.60
N ASP A 19 10.67 -11.92 4.38
CA ASP A 19 11.93 -12.32 5.00
C ASP A 19 13.00 -12.78 4.01
N GLU A 20 12.91 -12.28 2.79
CA GLU A 20 13.82 -12.65 1.73
C GLU A 20 14.61 -11.49 1.13
N GLU A 21 15.57 -11.84 0.25
CA GLU A 21 16.35 -10.87 -0.51
C GLU A 21 15.47 -10.10 -1.49
N LEU A 22 16.03 -9.02 -2.06
CA LEU A 22 15.29 -8.15 -2.97
C LEU A 22 14.59 -9.00 -4.05
N GLU A 23 15.33 -9.96 -4.60
CA GLU A 23 14.72 -10.95 -5.43
CA GLU A 23 14.76 -10.98 -5.44
C GLU A 23 14.18 -12.04 -4.53
N GLY A 24 12.88 -11.94 -4.21
CA GLY A 24 12.28 -12.84 -3.24
C GLY A 24 10.78 -12.95 -3.37
N HIS A 25 10.11 -12.88 -2.22
CA HIS A 25 8.66 -13.02 -2.11
C HIS A 25 8.21 -12.26 -0.89
N ALA A 26 6.91 -11.98 -0.88
CA ALA A 26 6.20 -11.44 0.29
C ALA A 26 4.91 -12.23 0.36
N TYR A 27 4.42 -12.45 1.58
CA TYR A 27 3.21 -13.22 1.74
C TYR A 27 2.37 -12.87 2.93
N ILE A 28 1.10 -13.17 2.78
CA ILE A 28 0.13 -13.15 3.86
C ILE A 28 0.11 -14.57 4.45
N PRO A 29 0.47 -14.71 5.72
CA PRO A 29 0.40 -16.06 6.33
C PRO A 29 -1.02 -16.61 6.16
N GLY A 30 -1.12 -17.83 5.64
CA GLY A 30 -2.43 -18.42 5.38
C GLY A 30 -3.08 -17.97 4.07
N GLY A 31 -2.42 -17.06 3.35
CA GLY A 31 -3.01 -16.43 2.18
C GLY A 31 -2.05 -16.22 1.02
N LEU A 32 -2.25 -15.11 0.31
CA LEU A 32 -1.55 -14.80 -0.95
C LEU A 32 -0.05 -14.66 -0.75
N LYS A 33 0.72 -15.29 -1.63
CA LYS A 33 2.17 -15.10 -1.72
C LYS A 33 2.45 -14.56 -3.13
N VAL A 34 3.30 -13.55 -3.18
CA VAL A 34 3.69 -12.93 -4.43
C VAL A 34 5.23 -12.98 -4.57
N GLN A 35 5.70 -13.24 -5.79
CA GLN A 35 7.10 -13.04 -6.12
C GLN A 35 7.41 -11.57 -6.22
N THR A 36 8.54 -11.16 -5.65
CA THR A 36 8.98 -9.80 -5.67
C THR A 36 10.38 -9.69 -6.32
N SER A 37 10.68 -8.49 -6.82
CA SER A 37 11.97 -8.17 -7.40
CA SER A 37 11.93 -8.19 -7.48
C SER A 37 12.17 -6.68 -7.46
N SER A 38 13.41 -6.25 -7.64
CA SER A 38 13.70 -4.84 -7.74
C SER A 38 12.96 -4.25 -8.92
N PRO A 39 12.36 -3.07 -8.74
CA PRO A 39 11.74 -2.43 -9.91
C PRO A 39 12.77 -1.97 -10.96
N MSE A 40 14.05 -1.91 -10.55
CA MSE A 40 15.13 -1.40 -11.41
C MSE A 40 15.70 -2.45 -12.35
O MSE A 40 16.60 -2.13 -13.13
CB MSE A 40 16.24 -0.77 -10.57
CG MSE A 40 15.82 0.38 -9.68
SE MSE A 40 14.69 1.71 -10.59
CE MSE A 40 16.09 2.51 -11.64
N ASN A 41 15.20 -3.67 -12.33
CA ASN A 41 15.58 -4.65 -13.33
C ASN A 41 14.35 -5.22 -14.03
N ASP A 42 14.57 -6.14 -14.98
CA ASP A 42 13.50 -6.73 -15.78
CA ASP A 42 13.45 -6.70 -15.76
C ASP A 42 13.06 -8.10 -15.30
N HIS A 43 13.46 -8.48 -14.09
CA HIS A 43 13.08 -9.78 -13.57
C HIS A 43 11.60 -9.83 -13.28
N PRO A 44 11.03 -11.03 -13.34
CA PRO A 44 9.64 -11.20 -12.96
C PRO A 44 9.45 -10.78 -11.49
N GLY A 45 8.24 -10.36 -11.17
CA GLY A 45 7.90 -10.11 -9.78
C GLY A 45 7.40 -8.71 -9.56
N THR A 46 6.63 -8.58 -8.50
CA THR A 46 6.08 -7.28 -8.10
C THR A 46 7.05 -6.54 -7.17
N ASN A 47 6.58 -5.43 -6.63
CA ASN A 47 7.40 -4.50 -5.84
C ASN A 47 6.50 -3.62 -5.00
N PRO A 48 7.08 -2.90 -4.04
CA PRO A 48 6.24 -2.07 -3.16
C PRO A 48 5.39 -1.01 -3.87
N GLU A 49 5.90 -0.48 -4.98
CA GLU A 49 5.22 0.53 -5.75
C GLU A 49 3.93 -0.04 -6.33
N GLN A 50 4.05 -1.21 -6.96
CA GLN A 50 2.90 -1.91 -7.53
C GLN A 50 1.89 -2.29 -6.42
N LEU A 51 2.41 -2.87 -5.35
CA LEU A 51 1.56 -3.36 -4.26
C LEU A 51 0.78 -2.20 -3.63
N LEU A 52 1.43 -1.06 -3.43
CA LEU A 52 0.76 0.15 -2.97
C LEU A 52 -0.32 0.63 -3.91
N GLY A 53 -0.02 0.66 -5.20
CA GLY A 53 -1.03 1.01 -6.18
C GLY A 53 -2.23 0.07 -6.18
N LEU A 54 -1.98 -1.23 -6.08
CA LEU A 54 -3.04 -2.22 -5.98
C LEU A 54 -3.89 -2.00 -4.72
N SER A 55 -3.22 -1.70 -3.62
CA SER A 55 -3.93 -1.40 -2.36
C SER A 55 -4.85 -0.17 -2.50
N LEU A 56 -4.28 0.95 -2.93
CA LEU A 56 -5.04 2.21 -3.02
C LEU A 56 -6.15 2.15 -4.06
N SER A 57 -5.84 1.64 -5.25
CA SER A 57 -6.87 1.52 -6.28
C SER A 57 -8.06 0.70 -5.78
N THR A 58 -7.76 -0.42 -5.10
CA THR A 58 -8.83 -1.29 -4.58
C THR A 58 -9.62 -0.59 -3.49
N CYS A 59 -8.91 0.10 -2.60
CA CYS A 59 -9.60 0.78 -1.51
C CYS A 59 -10.49 1.94 -2.02
N LEU A 60 -9.95 2.72 -2.95
CA LEU A 60 -10.71 3.80 -3.53
C LEU A 60 -11.94 3.26 -4.26
N GLU A 61 -11.74 2.18 -5.02
CA GLU A 61 -12.83 1.59 -5.80
C GLU A 61 -13.93 1.05 -4.86
N ALA A 62 -13.54 0.40 -3.75
CA ALA A 62 -14.51 -0.08 -2.74
C ALA A 62 -15.27 1.06 -2.13
N THR A 63 -14.55 2.14 -1.84
CA THR A 63 -15.18 3.31 -1.23
C THR A 63 -16.19 3.94 -2.22
N LEU A 64 -15.77 4.00 -3.48
CA LEU A 64 -16.59 4.57 -4.55
C LEU A 64 -17.87 3.73 -4.72
N GLU A 65 -17.74 2.41 -4.67
CA GLU A 65 -18.89 1.52 -4.78
C GLU A 65 -19.88 1.78 -3.63
N ALA A 66 -19.37 2.00 -2.43
CA ALA A 66 -20.22 2.33 -1.27
C ALA A 66 -20.97 3.66 -1.47
N VAL A 67 -20.25 4.68 -1.97
CA VAL A 67 -20.83 5.99 -2.28
C VAL A 67 -21.92 5.88 -3.35
N GLU A 68 -21.62 5.16 -4.41
CA GLU A 68 -22.58 4.94 -5.48
C GLU A 68 -23.86 4.33 -4.92
N LYS A 69 -23.70 3.33 -4.08
CA LYS A 69 -24.86 2.63 -3.48
C LYS A 69 -25.68 3.55 -2.57
N GLU A 70 -25.02 4.40 -1.79
CA GLU A 70 -25.69 5.38 -0.96
C GLU A 70 -26.53 6.36 -1.80
N HIS A 71 -26.09 6.60 -3.03
CA HIS A 71 -26.81 7.44 -4.02
C HIS A 71 -27.81 6.67 -4.91
N GLY A 72 -27.97 5.38 -4.65
CA GLY A 72 -28.91 4.55 -5.42
C GLY A 72 -28.48 4.19 -6.83
N LEU A 73 -27.17 4.21 -7.09
CA LEU A 73 -26.62 4.08 -8.43
C LEU A 73 -25.92 2.73 -8.57
N PRO A 74 -25.91 2.20 -9.77
CA PRO A 74 -25.15 0.99 -10.04
C PRO A 74 -23.65 1.32 -10.02
N HIS A 75 -22.82 0.28 -10.04
CA HIS A 75 -21.37 0.48 -9.94
C HIS A 75 -20.81 0.69 -11.35
N THR A 76 -20.39 1.90 -11.63
CA THR A 76 -19.78 2.23 -12.92
C THR A 76 -18.41 2.94 -12.75
N GLY A 77 -17.88 2.95 -11.53
CA GLY A 77 -16.64 3.63 -11.25
C GLY A 77 -15.42 2.77 -11.54
N ALA A 78 -14.28 3.43 -11.76
CA ALA A 78 -12.98 2.77 -11.93
C ALA A 78 -11.92 3.69 -11.38
N VAL A 79 -10.84 3.08 -10.88
CA VAL A 79 -9.72 3.84 -10.30
C VAL A 79 -8.41 3.31 -10.89
N ARG A 80 -7.54 4.25 -11.26
CA ARG A 80 -6.18 3.96 -11.67
C ARG A 80 -5.23 4.73 -10.78
N VAL A 81 -4.20 4.07 -10.26
CA VAL A 81 -3.23 4.72 -9.42
C VAL A 81 -1.86 4.55 -10.07
N LYS A 82 -1.18 5.69 -10.20
CA LYS A 82 0.22 5.66 -10.67
CA LYS A 82 0.21 5.73 -10.68
C LYS A 82 1.13 5.91 -9.47
N VAL A 83 2.21 5.11 -9.39
CA VAL A 83 3.19 5.29 -8.32
C VAL A 83 4.56 5.44 -8.99
N ALA A 84 5.27 6.48 -8.56
CA ALA A 84 6.63 6.76 -9.01
C ALA A 84 7.64 6.57 -7.87
N PHE A 85 8.82 6.04 -8.23
CA PHE A 85 9.96 5.88 -7.34
C PHE A 85 10.93 6.99 -7.76
N ILE A 86 11.35 7.81 -6.81
CA ILE A 86 12.22 8.95 -7.03
C ILE A 86 13.34 9.02 -5.99
N GLY A 87 14.42 9.75 -6.35
CA GLY A 87 15.44 10.14 -5.38
C GLY A 87 16.80 9.46 -5.59
N ALA A 88 17.47 9.20 -4.47
CA ALA A 88 18.85 8.65 -4.44
C ALA A 88 19.04 7.91 -3.12
N ARG A 89 20.16 7.19 -2.96
CA ARG A 89 20.46 6.42 -1.72
CA ARG A 89 20.43 6.42 -1.75
CA ARG A 89 20.44 6.42 -1.75
C ARG A 89 20.11 7.21 -0.49
N ALA A 90 19.34 6.58 0.42
CA ALA A 90 18.95 7.13 1.70
C ALA A 90 18.08 8.34 1.61
N GLU A 91 17.63 8.65 0.38
CA GLU A 91 16.79 9.80 0.07
CA GLU A 91 16.74 9.79 0.13
C GLU A 91 15.75 9.42 -0.97
N TYR A 92 15.19 8.20 -0.88
CA TYR A 92 14.20 7.74 -1.84
C TYR A 92 12.79 8.05 -1.34
N GLN A 93 11.91 8.30 -2.31
CA GLN A 93 10.49 8.52 -2.01
C GLN A 93 9.62 7.86 -3.06
N PHE A 94 8.34 7.66 -2.70
CA PHE A 94 7.31 7.33 -3.67
C PHE A 94 6.36 8.53 -3.83
N LEU A 95 5.92 8.72 -5.07
CA LEU A 95 4.82 9.65 -5.39
C LEU A 95 3.63 8.83 -5.82
N VAL A 96 2.42 9.27 -5.45
CA VAL A 96 1.22 8.53 -5.72
C VAL A 96 0.16 9.48 -6.33
N HIS A 97 -0.38 9.08 -7.47
CA HIS A 97 -1.41 9.87 -8.16
C HIS A 97 -2.60 8.98 -8.54
N ALA A 98 -3.79 9.29 -8.00
CA ALA A 98 -4.96 8.48 -8.28
C ALA A 98 -5.85 9.24 -9.30
N GLN A 99 -6.46 8.47 -10.19
CA GLN A 99 -7.43 8.98 -11.15
C GLN A 99 -8.72 8.20 -10.97
N VAL A 100 -9.83 8.92 -10.88
CA VAL A 100 -11.13 8.31 -10.61
C VAL A 100 -12.07 8.68 -11.76
N MSE A 101 -12.73 7.68 -12.30
CA MSE A 101 -13.80 7.89 -13.29
C MSE A 101 -15.11 7.28 -12.80
O MSE A 101 -15.10 6.27 -12.10
CB MSE A 101 -13.40 7.31 -14.65
CG MSE A 101 -13.21 5.81 -14.69
SE MSE A 101 -12.65 5.24 -16.44
CE MSE A 101 -14.23 5.61 -17.36
N VAL A 102 -16.25 7.89 -13.15
CA VAL A 102 -17.57 7.29 -12.89
C VAL A 102 -18.32 7.38 -14.20
N LYS A 103 -18.43 6.26 -14.89
CA LYS A 103 -19.00 6.27 -16.24
CA LYS A 103 -19.13 6.22 -16.19
C LYS A 103 -20.47 6.67 -16.29
C LYS A 103 -20.65 6.39 -16.02
N GLY A 104 -21.20 6.45 -15.22
N GLY A 104 -21.26 7.18 -16.90
CA GLY A 104 -22.64 6.56 -15.31
CA GLY A 104 -22.71 7.29 -16.90
C GLY A 104 -23.20 7.97 -15.24
C GLY A 104 -23.27 8.38 -16.03
N VAL A 105 -22.34 8.96 -15.03
N VAL A 105 -22.41 9.04 -15.25
CA VAL A 105 -22.79 10.25 -14.51
CA VAL A 105 -22.82 10.28 -14.54
C VAL A 105 -22.11 11.46 -15.13
N ASP A 106 -22.71 12.63 -14.92
CA ASP A 106 -22.14 13.90 -15.31
C ASP A 106 -20.81 14.16 -14.58
N PHE A 107 -19.92 14.91 -15.21
CA PHE A 107 -18.58 15.15 -14.65
C PHE A 107 -18.61 15.79 -13.26
N ASP A 108 -19.52 16.70 -13.03
CA ASP A 108 -19.67 17.32 -11.72
C ASP A 108 -20.00 16.32 -10.62
N THR A 109 -20.80 15.30 -10.95
CA THR A 109 -21.17 14.23 -10.01
C THR A 109 -19.91 13.37 -9.78
N ALA A 110 -19.20 13.04 -10.86
CA ALA A 110 -17.95 12.26 -10.74
C ALA A 110 -16.97 12.98 -9.82
N LYS A 111 -16.87 14.30 -9.96
CA LYS A 111 -15.99 15.10 -9.10
CA LYS A 111 -16.00 15.10 -9.12
C LYS A 111 -16.43 15.07 -7.65
N ALA A 112 -17.73 15.22 -7.41
CA ALA A 112 -18.29 15.18 -6.07
C ALA A 112 -18.00 13.82 -5.45
N PHE A 113 -18.20 12.75 -6.21
CA PHE A 113 -17.95 11.39 -5.67
C PHE A 113 -16.46 11.24 -5.36
N THR A 114 -15.61 11.82 -6.19
CA THR A 114 -14.13 11.74 -5.98
C THR A 114 -13.77 12.42 -4.67
N ASN A 115 -14.33 13.60 -4.42
CA ASN A 115 -14.12 14.30 -3.16
C ASN A 115 -14.58 13.45 -1.97
N GLU A 116 -15.75 12.81 -2.12
CA GLU A 116 -16.32 11.97 -1.06
CA GLU A 116 -16.27 12.04 -1.01
C GLU A 116 -15.36 10.83 -0.73
N ILE A 117 -14.88 10.13 -1.77
CA ILE A 117 -14.04 8.94 -1.55
C ILE A 117 -12.65 9.34 -1.03
N GLU A 118 -12.15 10.48 -1.47
CA GLU A 118 -10.86 10.98 -0.99
C GLU A 118 -10.86 11.11 0.53
N ASN A 119 -12.00 11.59 1.08
CA ASN A 119 -12.17 11.80 2.50
C ASN A 119 -12.45 10.53 3.30
N ARG A 120 -12.99 9.50 2.64
CA ARG A 120 -13.46 8.28 3.32
C ARG A 120 -12.51 7.07 3.19
N CYS A 121 -11.81 6.99 2.08
CA CYS A 121 -10.97 5.83 1.79
C CYS A 121 -9.83 5.71 2.82
N PRO A 122 -9.77 4.57 3.56
CA PRO A 122 -8.66 4.45 4.54
C PRO A 122 -7.24 4.67 4.01
N VAL A 123 -6.95 4.15 2.84
CA VAL A 123 -5.56 4.28 2.33
C VAL A 123 -5.31 5.75 1.95
N SER A 124 -6.31 6.38 1.34
CA SER A 124 -6.22 7.77 1.02
CA SER A 124 -6.21 7.82 1.05
C SER A 124 -5.95 8.62 2.29
N LYS A 125 -6.66 8.29 3.37
CA LYS A 125 -6.45 9.01 4.62
C LYS A 125 -5.01 8.81 5.15
N LEU A 126 -4.44 7.60 5.00
CA LEU A 126 -3.06 7.36 5.47
C LEU A 126 -2.07 8.22 4.70
N LEU A 127 -2.36 8.53 3.43
CA LEU A 127 -1.44 9.26 2.56
C LEU A 127 -1.68 10.77 2.54
N LYS A 128 -2.77 11.22 3.16
CA LYS A 128 -3.20 12.63 3.10
C LYS A 128 -2.08 13.62 3.43
N ASN A 129 -1.36 13.36 4.51
CA ASN A 129 -0.36 14.26 5.04
C ASN A 129 1.08 13.95 4.57
N SER A 130 1.20 13.13 3.54
CA SER A 130 2.51 12.70 3.03
C SER A 130 3.21 13.77 2.19
N GLY A 131 2.43 14.71 1.63
CA GLY A 131 2.97 15.65 0.64
C GLY A 131 3.18 15.07 -0.74
N ASN A 132 2.89 13.78 -0.92
CA ASN A 132 3.28 13.03 -2.12
C ASN A 132 2.10 12.40 -2.87
N TYR A 133 0.88 12.70 -2.43
CA TYR A 133 -0.33 12.07 -2.95
C TYR A 133 -1.28 13.11 -3.51
N THR A 134 -1.70 12.84 -4.74
CA THR A 134 -2.70 13.65 -5.45
C THR A 134 -3.77 12.76 -6.03
N ILE A 135 -4.95 13.35 -6.27
CA ILE A 135 -6.09 12.63 -6.81
C ILE A 135 -6.84 13.58 -7.75
N GLU A 136 -7.36 13.01 -8.82
CA GLU A 136 -8.13 13.77 -9.79
C GLU A 136 -9.26 12.91 -10.37
N THR A 137 -10.25 13.59 -10.96
CA THR A 137 -11.36 12.99 -11.66
C THR A 137 -11.08 13.11 -13.14
N VAL A 138 -11.30 12.01 -13.85
CA VAL A 138 -11.11 11.93 -15.29
C VAL A 138 -12.33 11.32 -15.96
N THR A 139 -12.45 11.50 -17.27
CA THR A 139 -13.58 10.87 -17.97
C THR A 139 -13.21 9.45 -18.43
N ASP A 140 -11.93 9.19 -18.70
CA ASP A 140 -11.46 7.85 -19.04
C ASP A 140 -9.96 7.70 -18.74
N PHE A 141 -9.45 6.48 -18.95
CA PHE A 141 -8.02 6.21 -18.79
C PHE A 141 -7.31 6.05 -20.16
N LYS A 142 -7.90 6.60 -21.23
CA LYS A 142 -7.41 6.44 -22.61
C LYS A 142 -6.38 7.55 -22.95
N GLN B 3 1.39 20.93 -11.08
CA GLN B 3 2.71 20.57 -11.66
C GLN B 3 3.73 20.34 -10.54
N ASP B 4 3.75 19.11 -10.02
CA ASP B 4 4.81 18.69 -9.09
C ASP B 4 5.98 18.17 -9.94
N GLU B 5 7.09 18.92 -9.90
CA GLU B 5 8.25 18.65 -10.74
C GLU B 5 8.89 17.29 -10.45
N ARG B 6 8.65 16.74 -9.26
CA ARG B 6 9.25 15.47 -8.91
C ARG B 6 8.76 14.32 -9.79
N TRP B 7 7.62 14.51 -10.45
CA TRP B 7 7.14 13.53 -11.41
C TRP B 7 7.85 13.54 -12.76
N ASN B 8 8.70 14.54 -12.99
CA ASN B 8 9.23 14.74 -14.34
C ASN B 8 10.09 13.61 -14.88
N HIS B 9 11.11 13.21 -14.12
CA HIS B 9 12.02 12.17 -14.59
C HIS B 9 12.28 11.14 -13.49
N PRO B 10 11.27 10.32 -13.20
CA PRO B 10 11.46 9.38 -12.07
C PRO B 10 12.36 8.18 -12.40
N LEU B 11 12.76 7.46 -11.35
CA LEU B 11 13.53 6.23 -11.50
C LEU B 11 12.70 5.12 -12.10
N TYR B 12 11.41 5.07 -11.73
CA TYR B 12 10.55 3.98 -12.09
C TYR B 12 9.14 4.49 -11.90
N THR B 13 8.24 4.05 -12.78
CA THR B 13 6.81 4.27 -12.55
C THR B 13 6.03 3.00 -12.88
N THR B 14 4.87 2.86 -12.24
CA THR B 14 3.96 1.77 -12.52
C THR B 14 2.54 2.29 -12.31
N THR B 15 1.60 1.51 -12.79
CA THR B 15 0.18 1.83 -12.62
CA THR B 15 0.17 1.82 -12.69
C THR B 15 -0.62 0.60 -12.23
N ALA B 16 -1.62 0.82 -11.37
CA ALA B 16 -2.50 -0.23 -10.88
C ALA B 16 -3.93 0.23 -11.15
N ILE B 17 -4.77 -0.71 -11.53
CA ILE B 17 -6.18 -0.45 -11.82
C ILE B 17 -7.10 -1.37 -11.03
N ASN B 18 -8.18 -0.80 -10.54
CA ASN B 18 -9.31 -1.58 -10.07
C ASN B 18 -10.58 -1.00 -10.66
N ASP B 19 -11.17 -1.77 -11.56
CA ASP B 19 -12.40 -1.36 -12.26
C ASP B 19 -13.59 -2.35 -12.04
N GLU B 20 -13.55 -3.14 -10.98
CA GLU B 20 -14.52 -4.18 -10.69
C GLU B 20 -15.28 -3.97 -9.38
N GLU B 21 -16.29 -4.81 -9.17
CA GLU B 21 -17.03 -4.90 -7.94
C GLU B 21 -16.14 -5.33 -6.79
N LEU B 22 -16.64 -5.19 -5.58
CA LEU B 22 -15.88 -5.53 -4.37
C LEU B 22 -15.33 -6.96 -4.43
N GLU B 23 -16.16 -7.88 -4.90
CA GLU B 23 -15.73 -9.20 -5.28
C GLU B 23 -15.24 -9.08 -6.73
N GLY B 24 -13.93 -8.85 -6.86
CA GLY B 24 -13.36 -8.53 -8.17
C GLY B 24 -11.88 -8.83 -8.25
N HIS B 25 -11.16 -7.91 -8.87
CA HIS B 25 -9.71 -8.01 -9.12
C HIS B 25 -9.09 -6.64 -9.19
N ALA B 26 -7.79 -6.58 -8.95
CA ALA B 26 -6.97 -5.40 -9.20
C ALA B 26 -5.79 -5.88 -10.02
N TYR B 27 -5.26 -5.04 -10.86
CA TYR B 27 -4.14 -5.47 -11.69
C TYR B 27 -3.17 -4.37 -12.10
N ILE B 28 -1.94 -4.81 -12.38
CA ILE B 28 -0.92 -4.00 -13.01
C ILE B 28 -0.98 -4.36 -14.49
N PRO B 29 -1.23 -3.37 -15.36
CA PRO B 29 -1.25 -3.67 -16.81
C PRO B 29 0.05 -4.35 -17.23
N GLY B 30 -0.09 -5.52 -17.82
CA GLY B 30 1.03 -6.34 -18.24
C GLY B 30 1.74 -7.10 -17.14
N GLY B 31 1.22 -7.04 -15.93
CA GLY B 31 1.86 -7.67 -14.79
C GLY B 31 0.87 -8.35 -13.88
N LEU B 32 1.13 -8.26 -12.58
CA LEU B 32 0.35 -9.00 -11.60
C LEU B 32 -1.13 -8.59 -11.55
N LYS B 33 -1.99 -9.58 -11.56
CA LYS B 33 -3.41 -9.46 -11.29
C LYS B 33 -3.74 -10.27 -10.05
N VAL B 34 -4.47 -9.65 -9.14
CA VAL B 34 -4.90 -10.32 -7.93
C VAL B 34 -6.44 -10.33 -7.82
N GLN B 35 -6.99 -11.44 -7.34
CA GLN B 35 -8.40 -11.51 -6.98
C GLN B 35 -8.56 -10.74 -5.68
N THR B 36 -9.63 -9.97 -5.58
CA THR B 36 -9.94 -9.20 -4.39
C THR B 36 -11.34 -9.57 -3.88
N SER B 37 -11.54 -9.29 -2.60
CA SER B 37 -12.83 -9.50 -1.95
CA SER B 37 -12.76 -9.62 -1.89
C SER B 37 -12.87 -8.72 -0.65
N SER B 38 -14.09 -8.51 -0.12
CA SER B 38 -14.23 -7.82 1.14
C SER B 38 -13.53 -8.59 2.24
N PRO B 39 -12.80 -7.90 3.12
CA PRO B 39 -12.23 -8.66 4.23
C PRO B 39 -13.27 -9.16 5.25
N MSE B 40 -14.49 -8.68 5.14
CA MSE B 40 -15.54 -9.02 6.10
C MSE B 40 -16.29 -10.29 5.74
O MSE B 40 -17.23 -10.65 6.44
CB MSE B 40 -16.47 -7.81 6.27
CG MSE B 40 -15.78 -6.55 6.70
SE MSE B 40 -14.69 -6.72 8.28
CE MSE B 40 -16.11 -6.94 9.58
N ASN B 41 -15.89 -10.97 4.69
CA ASN B 41 -16.42 -12.31 4.37
C ASN B 41 -15.30 -13.30 4.18
N ASP B 42 -15.66 -14.58 3.99
CA ASP B 42 -14.68 -15.65 3.90
CA ASP B 42 -14.67 -15.64 3.90
C ASP B 42 -14.38 -16.02 2.44
N HIS B 43 -14.81 -15.19 1.50
CA HIS B 43 -14.52 -15.46 0.10
C HIS B 43 -13.04 -15.35 -0.21
N PRO B 44 -12.60 -16.07 -1.23
CA PRO B 44 -11.24 -15.93 -1.69
C PRO B 44 -10.94 -14.53 -2.18
N GLY B 45 -9.69 -14.12 -1.95
CA GLY B 45 -9.20 -12.90 -2.52
C GLY B 45 -8.52 -12.04 -1.46
N THR B 46 -7.66 -11.17 -1.95
CA THR B 46 -6.91 -10.25 -1.09
C THR B 46 -7.73 -8.98 -0.94
N ASN B 47 -7.12 -7.97 -0.33
CA ASN B 47 -7.81 -6.74 0.03
C ASN B 47 -6.78 -5.62 0.28
N PRO B 48 -7.25 -4.38 0.44
CA PRO B 48 -6.28 -3.29 0.59
C PRO B 48 -5.37 -3.42 1.78
N GLU B 49 -5.89 -3.99 2.87
CA GLU B 49 -5.13 -4.16 4.10
C GLU B 49 -3.93 -5.10 3.85
N GLN B 50 -4.22 -6.24 3.25
CA GLN B 50 -3.17 -7.19 2.86
C GLN B 50 -2.17 -6.58 1.89
N LEU B 51 -2.70 -5.92 0.85
CA LEU B 51 -1.81 -5.36 -0.19
C LEU B 51 -0.88 -4.28 0.40
N LEU B 52 -1.40 -3.46 1.32
CA LEU B 52 -0.59 -2.46 1.99
C LEU B 52 0.48 -3.12 2.86
N GLY B 53 0.09 -4.17 3.58
CA GLY B 53 1.07 -4.91 4.34
C GLY B 53 2.19 -5.51 3.49
N LEU B 54 1.80 -6.11 2.35
CA LEU B 54 2.77 -6.65 1.41
C LEU B 54 3.73 -5.56 0.91
N SER B 55 3.18 -4.39 0.58
CA SER B 55 3.98 -3.26 0.12
C SER B 55 4.99 -2.81 1.17
N LEU B 56 4.49 -2.54 2.37
CA LEU B 56 5.36 -2.00 3.41
C LEU B 56 6.39 -3.01 3.90
N SER B 57 5.97 -4.26 4.10
CA SER B 57 6.92 -5.30 4.57
C SER B 57 8.06 -5.47 3.55
N THR B 58 7.70 -5.45 2.26
CA THR B 58 8.69 -5.60 1.18
C THR B 58 9.64 -4.39 1.14
N CYS B 59 9.09 -3.19 1.27
CA CYS B 59 9.90 -1.98 1.25
C CYS B 59 10.83 -1.90 2.45
N LEU B 60 10.31 -2.20 3.63
CA LEU B 60 11.12 -2.20 4.84
C LEU B 60 12.24 -3.24 4.71
N GLU B 61 11.92 -4.42 4.24
CA GLU B 61 12.88 -5.51 4.10
C GLU B 61 13.99 -5.15 3.11
N ALA B 62 13.61 -4.51 1.99
CA ALA B 62 14.60 -4.06 1.00
C ALA B 62 15.54 -3.00 1.60
N THR B 63 14.95 -2.08 2.37
CA THR B 63 15.72 -0.99 3.01
C THR B 63 16.69 -1.60 4.04
N LEU B 64 16.19 -2.59 4.80
CA LEU B 64 16.97 -3.29 5.80
C LEU B 64 18.16 -4.00 5.16
N GLU B 65 17.94 -4.63 4.01
CA GLU B 65 19.00 -5.34 3.26
C GLU B 65 20.12 -4.32 2.92
N ALA B 66 19.75 -3.09 2.50
CA ALA B 66 20.74 -2.02 2.21
C ALA B 66 21.51 -1.61 3.46
N VAL B 67 20.80 -1.46 4.57
CA VAL B 67 21.42 -1.04 5.83
C VAL B 67 22.36 -2.13 6.35
N GLU B 68 21.95 -3.39 6.27
CA GLU B 68 22.82 -4.47 6.69
C GLU B 68 24.14 -4.44 5.92
N LYS B 69 24.00 -4.29 4.59
CA LYS B 69 25.17 -4.25 3.72
C LYS B 69 26.10 -3.07 4.07
N GLU B 70 25.51 -1.90 4.35
CA GLU B 70 26.26 -0.73 4.75
C GLU B 70 27.06 -0.96 6.04
N HIS B 71 26.57 -1.88 6.87
CA HIS B 71 27.24 -2.32 8.08
C HIS B 71 28.09 -3.60 7.93
N GLY B 72 28.25 -4.09 6.70
CA GLY B 72 29.02 -5.25 6.41
C GLY B 72 28.54 -6.56 7.01
N LEU B 73 27.23 -6.64 7.16
CA LEU B 73 26.58 -7.83 7.71
C LEU B 73 25.75 -8.52 6.66
N PRO B 74 25.56 -9.82 6.81
CA PRO B 74 24.72 -10.57 5.89
C PRO B 74 23.25 -10.22 6.11
N HIS B 75 22.44 -10.56 5.14
CA HIS B 75 21.00 -10.33 5.25
C HIS B 75 20.32 -11.39 6.12
N THR B 76 20.03 -11.04 7.37
CA THR B 76 19.34 -11.92 8.29
C THR B 76 18.00 -11.33 8.78
N GLY B 77 17.62 -10.21 8.19
CA GLY B 77 16.40 -9.56 8.63
C GLY B 77 15.11 -10.12 8.12
N ALA B 78 14.04 -9.84 8.88
CA ALA B 78 12.70 -10.15 8.47
C ALA B 78 11.74 -9.09 9.03
N VAL B 79 10.69 -8.84 8.26
CA VAL B 79 9.72 -7.80 8.61
C VAL B 79 8.30 -8.39 8.51
N ARG B 80 7.52 -8.15 9.56
CA ARG B 80 6.10 -8.44 9.58
C ARG B 80 5.34 -7.14 9.76
N VAL B 81 4.30 -6.92 8.93
CA VAL B 81 3.43 -5.75 9.07
C VAL B 81 2.02 -6.27 9.38
N LYS B 82 1.49 -5.77 10.48
CA LYS B 82 0.10 -5.96 10.90
C LYS B 82 -0.72 -4.80 10.42
N VAL B 83 -1.89 -5.07 9.85
CA VAL B 83 -2.83 -4.02 9.40
C VAL B 83 -4.21 -4.34 9.98
N ALA B 84 -4.77 -3.34 10.64
CA ALA B 84 -6.12 -3.42 11.23
C ALA B 84 -7.07 -2.47 10.50
N PHE B 85 -8.31 -2.92 10.34
CA PHE B 85 -9.41 -2.17 9.82
C PHE B 85 -10.32 -1.87 11.00
N ILE B 86 -10.58 -0.57 11.20
CA ILE B 86 -11.40 -0.11 12.31
C ILE B 86 -12.42 0.94 11.82
N GLY B 87 -13.49 1.11 12.62
CA GLY B 87 -14.40 2.20 12.39
C GLY B 87 -15.82 1.78 12.11
N ALA B 88 -16.47 2.61 11.32
CA ALA B 88 -17.87 2.46 10.95
C ALA B 88 -18.11 3.20 9.64
N ARG B 89 -19.30 3.05 9.06
CA ARG B 89 -19.63 3.71 7.79
C ARG B 89 -19.16 5.15 7.72
N ALA B 90 -18.40 5.47 6.65
CA ALA B 90 -17.89 6.80 6.40
C ALA B 90 -16.91 7.27 7.44
N GLU B 91 -16.45 6.36 8.30
CA GLU B 91 -15.54 6.64 9.42
C GLU B 91 -14.59 5.44 9.56
N TYR B 92 -14.08 4.93 8.46
CA TYR B 92 -13.15 3.79 8.48
C TYR B 92 -11.71 4.24 8.41
N GLN B 93 -10.86 3.49 9.10
CA GLN B 93 -9.42 3.74 9.07
C GLN B 93 -8.66 2.42 9.05
N PHE B 94 -7.41 2.51 8.61
CA PHE B 94 -6.45 1.41 8.80
C PHE B 94 -5.40 1.85 9.82
N LEU B 95 -4.99 0.90 10.65
CA LEU B 95 -3.82 1.04 11.52
C LEU B 95 -2.74 0.11 10.97
N VAL B 96 -1.49 0.56 11.07
CA VAL B 96 -0.37 -0.21 10.52
C VAL B 96 0.72 -0.33 11.59
N HIS B 97 1.19 -1.54 11.83
CA HIS B 97 2.21 -1.79 12.83
C HIS B 97 3.27 -2.69 12.23
N ALA B 98 4.49 -2.17 12.11
CA ALA B 98 5.62 -2.94 11.56
C ALA B 98 6.46 -3.52 12.68
N GLN B 99 6.91 -4.76 12.49
CA GLN B 99 7.82 -5.42 13.42
C GLN B 99 9.03 -5.90 12.62
N VAL B 100 10.21 -5.56 13.11
CA VAL B 100 11.49 -5.81 12.45
C VAL B 100 12.36 -6.68 13.34
N MSE B 101 12.85 -7.78 12.76
CA MSE B 101 13.83 -8.61 13.45
C MSE B 101 15.11 -8.72 12.61
O MSE B 101 15.06 -8.66 11.39
CB MSE B 101 13.28 -9.99 13.77
CG MSE B 101 12.71 -10.71 12.69
SE MSE B 101 11.87 -12.43 13.31
CE MSE B 101 13.42 -13.12 13.95
N VAL B 102 16.24 -8.80 13.29
CA VAL B 102 17.56 -8.99 12.62
C VAL B 102 18.26 -10.11 13.39
N LYS B 103 18.13 -11.33 12.86
CA LYS B 103 18.47 -12.53 13.62
C LYS B 103 19.96 -12.56 13.86
N GLY B 104 20.74 -12.01 12.96
CA GLY B 104 22.18 -12.11 13.12
C GLY B 104 22.89 -11.22 14.15
N VAL B 105 22.15 -10.31 14.82
CA VAL B 105 22.74 -9.29 15.69
C VAL B 105 21.99 -9.14 17.02
N ASP B 106 22.66 -8.50 17.96
CA ASP B 106 22.06 -8.20 19.23
C ASP B 106 20.92 -7.19 19.15
N PHE B 107 20.11 -7.13 20.21
CA PHE B 107 18.89 -6.36 20.15
C PHE B 107 19.14 -4.86 19.96
N ASP B 108 20.15 -4.32 20.62
CA ASP B 108 20.43 -2.90 20.48
C ASP B 108 20.82 -2.59 19.03
N THR B 109 21.54 -3.49 18.39
CA THR B 109 21.89 -3.31 16.95
C THR B 109 20.65 -3.42 16.06
N ALA B 110 19.80 -4.41 16.36
CA ALA B 110 18.53 -4.56 15.63
C ALA B 110 17.67 -3.28 15.75
N LYS B 111 17.65 -2.69 16.92
CA LYS B 111 16.90 -1.45 17.18
C LYS B 111 17.49 -0.31 16.36
N ALA B 112 18.83 -0.23 16.33
CA ALA B 112 19.50 0.80 15.57
C ALA B 112 19.17 0.69 14.08
N PHE B 113 19.19 -0.53 13.57
CA PHE B 113 18.84 -0.76 12.17
C PHE B 113 17.39 -0.42 11.87
N THR B 114 16.52 -0.74 12.80
CA THR B 114 15.11 -0.41 12.68
C THR B 114 14.94 1.10 12.55
N ASN B 115 15.63 1.85 13.41
CA ASN B 115 15.56 3.31 13.33
C ASN B 115 16.02 3.80 11.96
N GLU B 116 17.10 3.22 11.44
CA GLU B 116 17.59 3.65 10.14
C GLU B 116 16.58 3.37 9.04
N ILE B 117 15.98 2.17 9.00
CA ILE B 117 15.05 1.87 7.93
C ILE B 117 13.74 2.66 8.06
N GLU B 118 13.31 2.96 9.28
CA GLU B 118 12.09 3.76 9.50
C GLU B 118 12.23 5.10 8.78
N ASN B 119 13.45 5.66 8.83
CA ASN B 119 13.73 6.96 8.24
C ASN B 119 13.97 6.96 6.73
N ARG B 120 14.23 5.80 6.14
CA ARG B 120 14.63 5.69 4.74
C ARG B 120 13.59 5.02 3.86
N CYS B 121 12.80 4.10 4.42
CA CYS B 121 11.85 3.33 3.61
C CYS B 121 10.78 4.24 3.02
N PRO B 122 10.65 4.28 1.69
CA PRO B 122 9.63 5.16 1.11
C PRO B 122 8.19 4.98 1.62
N VAL B 123 7.75 3.74 1.83
CA VAL B 123 6.37 3.55 2.29
C VAL B 123 6.25 4.05 3.74
N SER B 124 7.26 3.75 4.57
CA SER B 124 7.30 4.32 5.94
CA SER B 124 7.35 4.27 5.90
C SER B 124 7.21 5.81 5.93
N LYS B 125 7.95 6.47 5.05
CA LYS B 125 7.89 7.92 4.99
C LYS B 125 6.48 8.40 4.60
N LEU B 126 5.82 7.71 3.67
CA LEU B 126 4.45 8.11 3.29
C LEU B 126 3.51 8.07 4.49
N LEU B 127 3.74 7.09 5.36
CA LEU B 127 2.85 6.84 6.51
C LEU B 127 3.20 7.66 7.75
N LYS B 128 4.36 8.31 7.75
CA LYS B 128 4.88 9.00 8.93
C LYS B 128 3.86 9.90 9.62
N ASN B 129 3.17 10.72 8.83
CA ASN B 129 2.28 11.73 9.34
C ASN B 129 0.81 11.31 9.42
N SER B 130 0.55 10.02 9.26
CA SER B 130 -0.78 9.48 9.28
C SER B 130 -1.40 9.44 10.69
N GLY B 131 -0.55 9.38 11.70
CA GLY B 131 -0.98 9.13 13.07
C GLY B 131 -1.36 7.70 13.37
N ASN B 132 -1.26 6.83 12.36
CA ASN B 132 -1.74 5.45 12.44
C ASN B 132 -0.68 4.38 12.27
N TYR B 133 0.59 4.80 12.19
CA TYR B 133 1.68 3.89 11.87
C TYR B 133 2.70 3.88 13.01
N THR B 134 3.00 2.67 13.47
CA THR B 134 4.00 2.39 14.49
C THR B 134 4.94 1.29 13.99
N ILE B 135 6.14 1.27 14.56
CA ILE B 135 7.18 0.33 14.20
C ILE B 135 7.95 -0.04 15.48
N GLU B 136 8.29 -1.30 15.58
CA GLU B 136 9.04 -1.83 16.73
C GLU B 136 10.01 -2.92 16.26
N THR B 137 11.02 -3.15 17.08
CA THR B 137 11.99 -4.21 16.91
C THR B 137 11.60 -5.38 17.80
N VAL B 138 11.64 -6.58 17.21
CA VAL B 138 11.25 -7.82 17.89
C VAL B 138 12.32 -8.88 17.72
N THR B 139 12.18 -9.95 18.49
CA THR B 139 13.02 -11.10 18.31
C THR B 139 12.35 -12.31 17.67
N ASP B 140 11.03 -12.27 17.55
CA ASP B 140 10.29 -13.25 16.77
C ASP B 140 8.91 -12.65 16.47
N PHE B 141 8.10 -13.41 15.75
CA PHE B 141 6.76 -13.01 15.37
C PHE B 141 5.65 -13.73 16.15
N LYS B 142 5.90 -14.01 17.43
CA LYS B 142 4.83 -14.55 18.27
C LYS B 142 3.79 -13.48 18.52
N ASP B 143 2.57 -13.93 18.73
CA ASP B 143 1.47 -13.01 19.11
C ASP B 143 1.17 -11.88 18.09
C BEZ C . -17.01 3.86 3.71
O1 BEZ C . -18.20 3.64 4.15
O2 BEZ C . -16.50 4.90 3.89
C1 BEZ C . -16.16 2.83 3.05
C2 BEZ C . -16.80 1.68 2.57
C3 BEZ C . -16.04 0.68 1.96
C4 BEZ C . -14.65 0.86 1.83
C5 BEZ C . -14.03 2.02 2.32
C6 BEZ C . -14.74 3.02 2.91
C1 EDO D . 1.93 -18.97 3.73
O1 EDO D . 1.30 -19.01 5.00
C2 EDO D . 0.89 -18.69 2.65
O2 EDO D . 1.32 -17.58 1.87
C1 EDO E . -25.91 11.58 -7.82
O1 EDO E . -26.57 11.30 -6.60
C2 EDO E . -26.55 12.79 -8.43
O2 EDO E . -27.90 12.44 -8.76
C1 EDO F . 5.60 -19.10 3.33
O1 EDO F . 5.48 -19.95 2.16
C2 EDO F . 7.04 -19.19 3.80
O2 EDO F . 7.92 -18.78 2.73
C1 EDO G . -29.50 1.12 -9.34
O1 EDO G . -29.81 0.41 -10.57
C2 EDO G . -29.25 0.14 -8.21
O2 EDO G . -28.01 -0.55 -8.38
C1 EDO H . 16.88 1.01 -5.90
O1 EDO H . 17.96 0.59 -6.73
C2 EDO H . 17.33 1.17 -4.46
O2 EDO H . 18.20 0.10 -4.07
C1 EDO I . 12.41 0.76 -3.90
O1 EDO I . 11.47 0.20 -4.83
C2 EDO I . 11.92 0.69 -2.46
O2 EDO I . 11.75 -0.66 -2.01
C BEZ J . 17.79 3.28 0.72
O1 BEZ J . 17.45 4.07 1.45
O2 BEZ J . 19.03 3.34 0.29
C1 BEZ J . 16.82 2.26 0.29
C2 BEZ J . 15.40 2.41 0.61
C3 BEZ J . 14.58 1.45 0.09
C4 BEZ J . 15.09 0.34 -0.64
C5 BEZ J . 16.48 0.17 -0.89
C6 BEZ J . 17.35 1.16 -0.42
C1 EDO K . 11.62 16.80 -2.13
O1 EDO K . 10.55 15.88 -2.05
C2 EDO K . 11.48 17.66 -0.92
O2 EDO K . 10.26 17.23 -0.30
C1 EDO L . 27.93 -10.99 3.46
O1 EDO L . 27.24 -12.25 3.33
C2 EDO L . 28.55 -10.85 4.84
O2 EDO L . 28.65 -9.47 5.15
C1 EDO M . -11.49 -0.66 2.79
O1 EDO M . -11.38 -1.01 1.40
C2 EDO M . -12.08 -1.80 3.62
O2 EDO M . -11.35 -3.03 3.55
#